data_6UEC
#
_entry.id   6UEC
#
_cell.length_a   104.764
_cell.length_b   104.764
_cell.length_c   95.967
_cell.angle_alpha   90.000
_cell.angle_beta   90.000
_cell.angle_gamma   120.000
#
_symmetry.space_group_name_H-M   'H 3'
#
loop_
_entity.id
_entity.type
_entity.pdbx_description
1 polymer 'UDP-3-O-acylglucosamine N-acyltransferase'
2 non-polymer '4-(naphthalen-1-yl)-4-oxobutanoic acid'
3 non-polymer 'DIMETHYL SULFOXIDE'
4 non-polymer 'MAGNESIUM ION'
5 water water
#
_entity_poly.entity_id   1
_entity_poly.type   'polypeptide(L)'
_entity_poly.pdbx_seq_one_letter_code
;MHHHHHHSSGRENLYFQGSTLSYTLGQLAAHVGAEVRGDADLPIQGLATLQEAGPAQLSFLANPQYRKYLPESRAGAVLL
TAADADGFAGTALVVANPYLAYASLSHLFDRKPKAAAGIHPTAIVAADAEVDPSASVGAYAVIESGARIGAGVSIGAHCV
IGARSVIGEGGWLAPRVTLYHDVTIGARVSIQSGAVIGGEGFGFANEKGVWQKIAQIGGVTIGDDVEIGANTTIDRGALS
DTLIGNGVKLDNQIMIAHNVQIGDHTAMAACVGISGSAKIGRHCMLAGGVGLVGHIEICDNVFVTGMTMVTRSITEPGSY
SSGTAMQPAAEWKKSAARIRQLDDMARRLQQLEKRLAAVTSSGDASSD
;
_entity_poly.pdbx_strand_id   A
#
loop_
_chem_comp.id
_chem_comp.type
_chem_comp.name
_chem_comp.formula
DMS non-polymer 'DIMETHYL SULFOXIDE' 'C2 H6 O S'
MG non-polymer 'MAGNESIUM ION' 'Mg 2'
Q5M non-polymer '4-(naphthalen-1-yl)-4-oxobutanoic acid' 'C14 H12 O3'
#
# COMPACT_ATOMS: atom_id res chain seq x y z
N THR A 20 6.28 -29.39 1.06
CA THR A 20 6.77 -28.10 0.48
C THR A 20 6.28 -27.98 -0.97
N LEU A 21 6.04 -26.75 -1.42
CA LEU A 21 5.91 -26.42 -2.87
C LEU A 21 7.31 -26.41 -3.47
N SER A 22 7.52 -27.13 -4.58
CA SER A 22 8.79 -27.13 -5.37
C SER A 22 8.51 -27.18 -6.88
N TYR A 23 9.42 -26.62 -7.67
CA TYR A 23 9.31 -26.42 -9.14
C TYR A 23 10.73 -26.50 -9.76
N THR A 24 10.86 -26.90 -11.01
CA THR A 24 12.15 -26.85 -11.75
C THR A 24 12.44 -25.42 -12.18
N LEU A 25 13.70 -25.11 -12.41
CA LEU A 25 14.10 -23.81 -13.04
C LEU A 25 13.34 -23.58 -14.36
N GLY A 26 13.00 -24.66 -15.10
CA GLY A 26 12.29 -24.58 -16.38
C GLY A 26 10.87 -24.08 -16.21
N GLN A 27 10.10 -24.69 -15.29
CA GLN A 27 8.71 -24.28 -14.97
C GLN A 27 8.71 -22.79 -14.57
N LEU A 28 9.69 -22.38 -13.76
CA LEU A 28 9.83 -21.00 -13.21
C LEU A 28 10.34 -20.05 -14.31
N ALA A 29 11.23 -20.49 -15.20
CA ALA A 29 11.70 -19.67 -16.35
C ALA A 29 10.53 -19.41 -17.31
N ALA A 30 9.64 -20.40 -17.41
CA ALA A 30 8.43 -20.40 -18.28
C ALA A 30 7.57 -19.23 -17.84
N HIS A 31 7.37 -19.11 -16.52
CA HIS A 31 6.41 -18.17 -15.90
C HIS A 31 6.81 -16.72 -16.18
N VAL A 32 8.11 -16.42 -16.31
CA VAL A 32 8.61 -15.03 -16.55
C VAL A 32 9.37 -14.97 -17.86
N GLY A 33 9.22 -15.99 -18.71
CA GLY A 33 9.99 -16.13 -19.96
C GLY A 33 11.46 -15.76 -19.80
N ALA A 34 12.21 -16.49 -18.98
CA ALA A 34 13.68 -16.38 -18.86
C ALA A 34 14.37 -17.46 -19.70
N GLU A 35 15.67 -17.25 -19.94
CA GLU A 35 16.66 -18.20 -20.56
C GLU A 35 17.45 -18.93 -19.45
N VAL A 36 17.37 -20.26 -19.37
CA VAL A 36 18.20 -21.08 -18.43
C VAL A 36 19.66 -21.03 -18.92
N ARG A 37 20.61 -20.80 -18.02
CA ARG A 37 22.08 -20.74 -18.32
C ARG A 37 22.84 -21.68 -17.36
N GLY A 38 22.12 -22.63 -16.79
CA GLY A 38 22.62 -23.93 -16.34
C GLY A 38 21.64 -24.99 -16.82
N ASP A 39 21.19 -25.86 -15.91
CA ASP A 39 20.29 -27.00 -16.22
C ASP A 39 18.93 -26.72 -15.57
N ALA A 40 17.90 -26.82 -16.41
CA ALA A 40 16.47 -26.50 -16.15
C ALA A 40 15.80 -27.60 -15.32
N ASP A 41 16.52 -28.68 -15.01
CA ASP A 41 15.98 -29.92 -14.38
C ASP A 41 16.00 -29.72 -12.85
N LEU A 42 16.92 -28.86 -12.39
CA LEU A 42 17.24 -28.45 -10.97
C LEU A 42 15.98 -27.99 -10.22
N PRO A 43 15.49 -28.74 -9.20
CA PRO A 43 14.36 -28.28 -8.38
C PRO A 43 14.73 -27.06 -7.51
N ILE A 44 13.71 -26.25 -7.21
CA ILE A 44 13.75 -25.02 -6.36
C ILE A 44 12.54 -25.11 -5.42
N GLN A 45 12.70 -24.75 -4.14
CA GLN A 45 11.66 -24.96 -3.08
C GLN A 45 11.17 -23.66 -2.43
N GLY A 46 11.73 -22.52 -2.83
CA GLY A 46 11.51 -21.17 -2.28
C GLY A 46 12.57 -20.21 -2.76
N LEU A 47 12.39 -18.91 -2.45
CA LEU A 47 13.25 -17.78 -2.87
C LEU A 47 13.97 -17.22 -1.64
N ALA A 48 15.00 -16.43 -1.87
CA ALA A 48 15.87 -15.93 -0.79
C ALA A 48 16.83 -14.86 -1.31
N THR A 49 17.23 -13.97 -0.41
CA THR A 49 18.18 -12.88 -0.72
C THR A 49 19.51 -13.54 -1.07
N LEU A 50 20.39 -12.78 -1.71
CA LEU A 50 21.69 -13.23 -2.27
C LEU A 50 22.52 -13.97 -1.22
N GLN A 51 22.59 -13.43 -0.01
CA GLN A 51 23.54 -13.95 0.99
C GLN A 51 22.76 -14.51 2.17
N GLU A 52 21.56 -14.98 1.91
CA GLU A 52 20.84 -15.90 2.83
C GLU A 52 20.39 -17.17 2.10
N ALA A 53 20.64 -17.24 0.78
CA ALA A 53 20.11 -18.26 -0.16
C ALA A 53 20.89 -19.56 -0.02
N GLY A 54 20.18 -20.69 0.12
CA GLY A 54 20.75 -22.04 0.03
C GLY A 54 20.83 -22.60 -1.40
N PRO A 55 21.33 -23.85 -1.54
CA PRO A 55 21.34 -24.53 -2.83
C PRO A 55 19.93 -24.87 -3.38
N ALA A 56 18.92 -24.98 -2.52
CA ALA A 56 17.52 -25.31 -2.88
C ALA A 56 16.72 -24.07 -3.31
N GLN A 57 17.36 -22.92 -3.53
CA GLN A 57 16.62 -21.63 -3.58
C GLN A 57 17.08 -20.73 -4.72
N LEU A 58 16.11 -20.03 -5.34
CA LEU A 58 16.36 -19.00 -6.39
C LEU A 58 16.48 -17.62 -5.73
N SER A 59 17.55 -16.90 -6.00
CA SER A 59 17.76 -15.48 -5.60
C SER A 59 17.68 -14.61 -6.85
N PHE A 60 18.27 -13.41 -6.77
CA PHE A 60 18.21 -12.37 -7.82
C PHE A 60 19.16 -11.25 -7.46
N LEU A 61 19.66 -10.53 -8.46
CA LEU A 61 20.36 -9.23 -8.29
C LEU A 61 19.51 -8.16 -8.96
N ALA A 62 18.91 -7.30 -8.14
CA ALA A 62 18.13 -6.12 -8.53
C ALA A 62 19.00 -4.87 -8.31
N ASN A 63 19.73 -4.82 -7.21
CA ASN A 63 20.55 -3.64 -6.78
C ASN A 63 21.92 -3.72 -7.44
N PRO A 64 22.30 -2.75 -8.30
CA PRO A 64 23.69 -2.60 -8.73
C PRO A 64 24.71 -2.68 -7.57
N GLN A 65 24.25 -2.36 -6.35
CA GLN A 65 25.06 -2.23 -5.10
C GLN A 65 25.54 -3.62 -4.65
N TYR A 66 24.60 -4.57 -4.49
CA TYR A 66 24.87 -5.96 -4.02
C TYR A 66 25.60 -6.78 -5.12
N ARG A 67 26.16 -6.16 -6.18
CA ARG A 67 26.96 -6.81 -7.27
C ARG A 67 28.20 -7.49 -6.70
N LYS A 68 28.78 -6.88 -5.65
CA LYS A 68 29.89 -7.39 -4.81
C LYS A 68 29.52 -8.74 -4.16
N TYR A 69 28.27 -8.96 -3.75
CA TYR A 69 27.85 -10.08 -2.88
C TYR A 69 27.40 -11.33 -3.70
N LEU A 70 27.46 -11.30 -5.05
CA LEU A 70 26.91 -12.36 -5.96
C LEU A 70 27.75 -13.64 -5.91
N PRO A 71 29.09 -13.55 -6.10
CA PRO A 71 29.91 -14.76 -6.24
C PRO A 71 29.78 -15.71 -5.03
N GLU A 72 29.70 -15.19 -3.81
CA GLU A 72 29.78 -15.97 -2.55
C GLU A 72 28.40 -16.59 -2.19
N SER A 73 27.30 -16.16 -2.84
CA SER A 73 25.92 -16.71 -2.70
C SER A 73 25.90 -18.23 -2.89
N ARG A 74 25.26 -18.97 -1.99
CA ARG A 74 25.07 -20.45 -2.06
C ARG A 74 23.71 -20.74 -2.71
N ALA A 75 23.06 -19.70 -3.23
CA ALA A 75 21.86 -19.86 -4.08
C ALA A 75 22.10 -20.99 -5.08
N GLY A 76 21.11 -21.89 -5.23
CA GLY A 76 21.01 -22.80 -6.38
C GLY A 76 21.12 -22.05 -7.70
N ALA A 77 20.23 -21.08 -7.91
CA ALA A 77 20.12 -20.25 -9.14
C ALA A 77 19.79 -18.80 -8.75
N VAL A 78 19.99 -17.88 -9.71
CA VAL A 78 19.97 -16.39 -9.58
C VAL A 78 19.29 -15.79 -10.82
N LEU A 79 18.16 -15.07 -10.63
CA LEU A 79 17.59 -14.19 -11.68
C LEU A 79 18.58 -13.03 -11.90
N LEU A 80 19.11 -12.91 -13.12
CA LEU A 80 20.14 -11.91 -13.48
C LEU A 80 19.84 -11.36 -14.87
N THR A 81 20.16 -10.07 -15.05
CA THR A 81 20.30 -9.43 -16.38
C THR A 81 21.40 -10.20 -17.11
N ALA A 82 21.34 -10.32 -18.44
CA ALA A 82 22.41 -10.93 -19.27
C ALA A 82 23.78 -10.43 -18.78
N ALA A 83 23.91 -9.13 -18.51
CA ALA A 83 25.16 -8.41 -18.14
C ALA A 83 25.79 -9.03 -16.88
N ASP A 84 25.02 -9.17 -15.80
CA ASP A 84 25.50 -9.75 -14.51
C ASP A 84 25.81 -11.25 -14.70
N ALA A 85 25.01 -11.93 -15.53
CA ALA A 85 25.04 -13.40 -15.73
C ALA A 85 26.32 -13.80 -16.46
N ASP A 86 26.97 -12.86 -17.12
CA ASP A 86 28.08 -13.11 -18.08
C ASP A 86 29.36 -13.34 -17.27
N GLY A 87 30.02 -14.49 -17.46
CA GLY A 87 31.17 -14.97 -16.66
C GLY A 87 30.79 -15.41 -15.25
N PHE A 88 29.56 -15.98 -15.07
CA PHE A 88 28.93 -16.29 -13.77
C PHE A 88 29.13 -17.78 -13.41
N ALA A 89 29.77 -17.98 -12.26
CA ALA A 89 30.17 -19.27 -11.66
C ALA A 89 28.99 -20.25 -11.60
N GLY A 90 27.80 -19.74 -11.27
CA GLY A 90 26.61 -20.58 -11.00
C GLY A 90 25.71 -20.75 -12.21
N THR A 91 24.54 -21.34 -11.95
CA THR A 91 23.42 -21.49 -12.91
C THR A 91 22.56 -20.22 -12.79
N ALA A 92 22.23 -19.56 -13.92
CA ALA A 92 21.47 -18.30 -13.96
C ALA A 92 20.10 -18.50 -14.62
N LEU A 93 19.16 -17.59 -14.34
CA LEU A 93 17.93 -17.36 -15.13
C LEU A 93 17.98 -15.91 -15.63
N VAL A 94 18.05 -15.70 -16.94
CA VAL A 94 18.35 -14.39 -17.59
C VAL A 94 17.03 -13.71 -17.99
N VAL A 95 16.89 -12.42 -17.64
CA VAL A 95 15.66 -11.57 -17.82
C VAL A 95 16.04 -10.08 -17.87
N ALA A 96 15.16 -9.28 -18.48
CA ALA A 96 15.29 -7.81 -18.59
C ALA A 96 15.38 -7.21 -17.17
N ASN A 97 14.42 -7.57 -16.31
CA ASN A 97 14.24 -7.03 -14.93
C ASN A 97 14.14 -8.17 -13.91
N PRO A 98 15.27 -8.50 -13.25
CA PRO A 98 15.28 -9.56 -12.24
C PRO A 98 14.20 -9.35 -11.17
N TYR A 99 14.15 -8.13 -10.62
CA TYR A 99 13.29 -7.74 -9.47
C TYR A 99 11.80 -7.93 -9.83
N LEU A 100 11.47 -7.70 -11.08
CA LEU A 100 10.07 -7.75 -11.55
C LEU A 100 9.72 -9.23 -11.78
N ALA A 101 10.71 -9.97 -12.29
CA ALA A 101 10.69 -11.45 -12.41
C ALA A 101 10.61 -12.05 -11.01
N TYR A 102 11.48 -11.63 -10.09
CA TYR A 102 11.39 -11.98 -8.65
C TYR A 102 9.96 -11.77 -8.14
N ALA A 103 9.43 -10.56 -8.33
CA ALA A 103 8.05 -10.19 -7.95
C ALA A 103 7.04 -11.22 -8.52
N SER A 104 7.12 -11.50 -9.82
CA SER A 104 6.23 -12.49 -10.48
C SER A 104 6.34 -13.86 -9.79
N LEU A 105 7.57 -14.37 -9.60
CA LEU A 105 7.85 -15.75 -9.10
C LEU A 105 7.36 -15.92 -7.66
N SER A 106 7.48 -14.84 -6.87
CA SER A 106 7.13 -14.79 -5.43
C SER A 106 5.78 -15.49 -5.14
N HIS A 107 4.79 -15.32 -6.01
CA HIS A 107 3.42 -15.89 -5.78
C HIS A 107 3.43 -17.42 -5.79
N LEU A 108 4.36 -18.05 -6.52
CA LEU A 108 4.39 -19.52 -6.64
C LEU A 108 4.82 -20.18 -5.32
N PHE A 109 5.43 -19.42 -4.40
CA PHE A 109 5.94 -19.87 -3.06
C PHE A 109 5.06 -19.35 -1.92
N ASP A 110 3.99 -18.65 -2.24
CA ASP A 110 3.07 -18.10 -1.22
C ASP A 110 2.37 -19.28 -0.59
N ARG A 111 2.60 -19.51 0.70
CA ARG A 111 1.98 -20.60 1.48
C ARG A 111 0.71 -20.10 2.17
N LYS A 112 0.19 -18.91 1.84
CA LYS A 112 -1.06 -18.43 2.49
C LYS A 112 -2.19 -19.36 2.06
N PRO A 113 -2.94 -19.96 3.03
CA PRO A 113 -4.13 -20.76 2.73
C PRO A 113 -5.08 -20.03 1.78
N LYS A 114 -6.01 -20.79 1.18
CA LYS A 114 -7.01 -20.32 0.19
C LYS A 114 -8.28 -21.16 0.37
N ALA A 115 -9.12 -20.82 1.37
CA ALA A 115 -10.42 -21.48 1.65
C ALA A 115 -11.28 -21.48 0.37
N ALA A 116 -11.32 -22.62 -0.32
CA ALA A 116 -12.02 -22.80 -1.62
C ALA A 116 -13.52 -22.52 -1.46
N ALA A 117 -14.24 -22.46 -2.58
CA ALA A 117 -15.59 -21.87 -2.74
C ALA A 117 -16.62 -22.38 -1.71
N GLY A 118 -17.78 -21.72 -1.67
CA GLY A 118 -18.89 -22.04 -0.75
C GLY A 118 -18.86 -21.16 0.49
N ILE A 119 -20.01 -21.04 1.15
CA ILE A 119 -20.23 -20.27 2.40
C ILE A 119 -19.95 -21.19 3.62
N HIS A 120 -19.67 -20.61 4.78
CA HIS A 120 -19.64 -21.36 6.06
C HIS A 120 -21.06 -21.42 6.59
N PRO A 121 -21.49 -22.56 7.19
CA PRO A 121 -22.79 -22.62 7.83
C PRO A 121 -23.00 -21.42 8.79
N THR A 122 -21.94 -21.09 9.55
CA THR A 122 -21.86 -20.02 10.58
C THR A 122 -22.18 -18.66 9.92
N ALA A 123 -21.43 -18.27 8.90
CA ALA A 123 -21.61 -17.01 8.15
C ALA A 123 -23.10 -16.72 7.96
N ILE A 124 -23.53 -15.49 8.26
CA ILE A 124 -24.91 -14.97 7.95
C ILE A 124 -24.85 -14.27 6.60
N VAL A 125 -25.91 -14.42 5.80
CA VAL A 125 -26.11 -13.71 4.50
C VAL A 125 -27.60 -13.35 4.37
N ALA A 126 -27.90 -12.07 4.18
CA ALA A 126 -29.27 -11.57 3.96
C ALA A 126 -29.78 -12.13 2.63
N ALA A 127 -31.10 -12.35 2.54
CA ALA A 127 -31.81 -12.91 1.36
C ALA A 127 -31.66 -11.93 0.17
N ASP A 128 -31.43 -10.64 0.41
CA ASP A 128 -31.27 -9.60 -0.65
C ASP A 128 -29.83 -9.58 -1.18
N ALA A 129 -28.92 -10.36 -0.61
CA ALA A 129 -27.49 -10.37 -0.99
C ALA A 129 -27.26 -11.42 -2.08
N GLU A 130 -26.79 -11.00 -3.26
CA GLU A 130 -26.18 -11.90 -4.28
C GLU A 130 -24.78 -12.27 -3.78
N VAL A 131 -24.33 -13.50 -4.04
CA VAL A 131 -23.01 -14.04 -3.59
C VAL A 131 -22.51 -15.09 -4.59
N ASP A 132 -21.73 -14.70 -5.59
CA ASP A 132 -21.28 -15.61 -6.69
C ASP A 132 -20.88 -16.97 -6.14
N PRO A 133 -21.27 -18.09 -6.82
CA PRO A 133 -20.95 -19.44 -6.34
C PRO A 133 -19.44 -19.67 -6.20
N SER A 134 -18.66 -18.99 -7.03
CA SER A 134 -17.18 -19.15 -7.17
C SER A 134 -16.48 -18.62 -5.92
N ALA A 135 -17.15 -17.73 -5.18
CA ALA A 135 -16.62 -17.04 -3.98
C ALA A 135 -16.74 -17.93 -2.74
N SER A 136 -15.91 -17.61 -1.73
CA SER A 136 -15.87 -18.23 -0.38
C SER A 136 -16.11 -17.16 0.70
N VAL A 137 -16.96 -17.48 1.67
CA VAL A 137 -17.24 -16.67 2.88
C VAL A 137 -16.84 -17.54 4.09
N GLY A 138 -15.91 -17.06 4.92
CA GLY A 138 -15.30 -17.82 6.04
C GLY A 138 -16.20 -17.82 7.28
N ALA A 139 -15.74 -18.47 8.35
CA ALA A 139 -16.52 -18.65 9.60
C ALA A 139 -16.98 -17.31 10.17
N TYR A 140 -18.21 -17.25 10.63
CA TYR A 140 -18.78 -16.17 11.49
C TYR A 140 -18.86 -14.86 10.71
N ALA A 141 -18.55 -14.89 9.41
CA ALA A 141 -18.74 -13.77 8.48
C ALA A 141 -20.15 -13.21 8.66
N VAL A 142 -20.46 -12.05 8.06
CA VAL A 142 -21.80 -11.39 8.07
C VAL A 142 -21.85 -10.55 6.82
N ILE A 143 -23.04 -10.45 6.22
CA ILE A 143 -23.31 -9.89 4.87
C ILE A 143 -24.74 -9.36 4.90
N GLU A 144 -24.90 -8.04 4.96
CA GLU A 144 -26.20 -7.37 5.14
C GLU A 144 -26.93 -7.16 3.79
N SER A 145 -28.14 -6.61 3.86
CA SER A 145 -29.16 -6.61 2.78
C SER A 145 -28.63 -5.82 1.59
N GLY A 146 -28.67 -6.42 0.40
CA GLY A 146 -28.34 -5.73 -0.86
C GLY A 146 -26.85 -5.86 -1.15
N ALA A 147 -26.12 -6.61 -0.34
CA ALA A 147 -24.69 -6.90 -0.58
C ALA A 147 -24.56 -7.55 -1.96
N ARG A 148 -23.35 -7.91 -2.36
CA ARG A 148 -22.99 -8.29 -3.75
C ARG A 148 -21.52 -8.74 -3.75
N ILE A 149 -21.28 -10.05 -3.67
CA ILE A 149 -19.92 -10.64 -3.64
C ILE A 149 -19.63 -11.21 -5.03
N GLY A 150 -19.04 -10.41 -5.92
CA GLY A 150 -18.54 -10.82 -7.24
C GLY A 150 -17.83 -12.16 -7.22
N ALA A 151 -17.26 -12.58 -8.36
CA ALA A 151 -16.86 -13.98 -8.63
C ALA A 151 -15.43 -14.22 -8.16
N GLY A 152 -15.17 -15.38 -7.58
CA GLY A 152 -13.81 -15.74 -7.14
C GLY A 152 -13.32 -14.67 -6.19
N VAL A 153 -14.23 -14.16 -5.36
CA VAL A 153 -13.88 -13.27 -4.23
C VAL A 153 -13.64 -14.22 -3.05
N SER A 154 -12.78 -13.82 -2.11
CA SER A 154 -12.48 -14.56 -0.86
C SER A 154 -12.73 -13.61 0.32
N ILE A 155 -13.78 -13.89 1.12
CA ILE A 155 -14.16 -13.14 2.36
C ILE A 155 -13.77 -13.93 3.60
N GLY A 156 -12.89 -13.38 4.44
CA GLY A 156 -12.29 -14.05 5.62
C GLY A 156 -13.28 -14.11 6.77
N ALA A 157 -12.91 -14.85 7.81
CA ALA A 157 -13.73 -15.04 9.02
C ALA A 157 -13.97 -13.70 9.72
N HIS A 158 -15.14 -13.52 10.34
CA HIS A 158 -15.50 -12.33 11.16
C HIS A 158 -15.57 -11.05 10.32
N CYS A 159 -15.38 -11.15 9.00
CA CYS A 159 -15.59 -9.98 8.11
C CYS A 159 -17.03 -9.54 8.30
N VAL A 160 -17.29 -8.26 8.21
CA VAL A 160 -18.67 -7.72 8.16
C VAL A 160 -18.78 -6.95 6.85
N ILE A 161 -19.60 -7.39 5.91
CA ILE A 161 -19.94 -6.50 4.78
C ILE A 161 -21.24 -5.80 5.19
N GLY A 162 -21.30 -4.49 4.96
CA GLY A 162 -22.50 -3.67 5.19
C GLY A 162 -23.36 -3.64 3.96
N ALA A 163 -24.59 -3.15 4.15
CA ALA A 163 -25.70 -3.16 3.17
C ALA A 163 -25.30 -2.50 1.85
N ARG A 164 -25.50 -3.20 0.73
CA ARG A 164 -25.46 -2.64 -0.64
C ARG A 164 -24.00 -2.38 -1.01
N SER A 165 -23.09 -2.94 -0.24
CA SER A 165 -21.66 -2.78 -0.55
C SER A 165 -21.28 -3.90 -1.52
N VAL A 166 -20.30 -3.63 -2.36
CA VAL A 166 -20.00 -4.40 -3.60
C VAL A 166 -18.50 -4.66 -3.65
N ILE A 167 -18.08 -5.93 -3.63
CA ILE A 167 -16.67 -6.34 -3.93
C ILE A 167 -16.65 -6.99 -5.31
N GLY A 168 -16.08 -6.32 -6.30
CA GLY A 168 -15.82 -6.89 -7.64
C GLY A 168 -14.96 -8.15 -7.55
N GLU A 169 -15.10 -9.02 -8.55
CA GLU A 169 -14.37 -10.31 -8.73
C GLU A 169 -12.88 -10.22 -8.35
N GLY A 170 -12.29 -11.34 -7.93
CA GLY A 170 -10.85 -11.45 -7.63
C GLY A 170 -10.49 -10.80 -6.29
N GLY A 171 -11.43 -10.13 -5.63
CA GLY A 171 -11.18 -9.54 -4.31
C GLY A 171 -10.70 -10.57 -3.31
N TRP A 172 -9.74 -10.19 -2.45
CA TRP A 172 -9.29 -10.98 -1.27
C TRP A 172 -9.38 -10.10 -0.03
N LEU A 173 -10.37 -10.36 0.85
CA LEU A 173 -10.51 -9.69 2.17
C LEU A 173 -10.08 -10.66 3.25
N ALA A 174 -8.98 -10.34 3.90
CA ALA A 174 -8.48 -11.03 5.12
C ALA A 174 -9.60 -11.05 6.15
N PRO A 175 -9.42 -11.80 7.26
CA PRO A 175 -10.40 -11.80 8.35
C PRO A 175 -10.54 -10.44 9.02
N ARG A 176 -11.68 -10.21 9.69
CA ARG A 176 -11.90 -9.09 10.64
C ARG A 176 -11.75 -7.76 9.88
N VAL A 177 -12.09 -7.78 8.58
CA VAL A 177 -12.27 -6.57 7.73
C VAL A 177 -13.72 -6.12 7.86
N THR A 178 -13.96 -4.82 7.96
CA THR A 178 -15.29 -4.23 8.07
C THR A 178 -15.54 -3.28 6.92
N LEU A 179 -16.60 -3.52 6.15
CA LEU A 179 -17.22 -2.53 5.24
C LEU A 179 -18.50 -2.05 5.92
N TYR A 180 -18.78 -0.76 5.86
CA TYR A 180 -20.10 -0.16 6.23
C TYR A 180 -21.02 -0.33 5.02
N HIS A 181 -22.26 0.13 5.14
CA HIS A 181 -23.21 0.38 4.02
C HIS A 181 -22.58 1.22 2.90
N ASP A 182 -22.88 0.88 1.64
CA ASP A 182 -22.73 1.75 0.43
C ASP A 182 -21.26 1.99 0.11
N VAL A 183 -20.49 0.90 0.14
CA VAL A 183 -19.05 0.88 -0.21
C VAL A 183 -18.96 0.10 -1.51
N THR A 184 -18.55 0.75 -2.59
CA THR A 184 -18.41 0.14 -3.92
C THR A 184 -16.92 -0.03 -4.21
N ILE A 185 -16.48 -1.26 -4.51
CA ILE A 185 -15.07 -1.66 -4.76
C ILE A 185 -14.94 -2.40 -6.11
N GLY A 186 -13.99 -1.99 -6.94
CA GLY A 186 -13.65 -2.63 -8.24
C GLY A 186 -13.16 -4.05 -8.04
N ALA A 187 -12.36 -4.56 -8.96
CA ALA A 187 -11.90 -5.97 -8.96
C ALA A 187 -10.51 -6.11 -8.32
N ARG A 188 -10.18 -7.32 -7.88
CA ARG A 188 -8.79 -7.69 -7.49
C ARG A 188 -8.34 -6.78 -6.34
N VAL A 189 -9.28 -6.46 -5.44
CA VAL A 189 -8.97 -5.69 -4.21
C VAL A 189 -8.28 -6.64 -3.24
N SER A 190 -7.24 -6.15 -2.58
CA SER A 190 -6.54 -6.85 -1.47
C SER A 190 -6.64 -6.01 -0.21
N ILE A 191 -7.26 -6.52 0.84
CA ILE A 191 -7.46 -5.79 2.12
C ILE A 191 -7.01 -6.64 3.31
N GLN A 192 -5.92 -6.22 3.95
CA GLN A 192 -5.37 -6.86 5.17
C GLN A 192 -6.36 -6.68 6.32
N SER A 193 -6.17 -7.42 7.40
CA SER A 193 -7.04 -7.46 8.60
C SER A 193 -7.20 -6.07 9.28
N GLY A 194 -8.25 -5.88 10.08
CA GLY A 194 -8.44 -4.68 10.91
C GLY A 194 -8.91 -3.49 10.11
N ALA A 195 -8.85 -3.55 8.79
CA ALA A 195 -9.23 -2.43 7.91
C ALA A 195 -10.68 -2.05 8.17
N VAL A 196 -11.02 -0.77 8.14
CA VAL A 196 -12.43 -0.28 8.27
C VAL A 196 -12.69 0.69 7.11
N ILE A 197 -13.65 0.40 6.24
CA ILE A 197 -13.94 1.23 5.04
C ILE A 197 -15.40 1.66 5.19
N GLY A 198 -15.66 2.95 5.00
CA GLY A 198 -17.02 3.52 5.08
C GLY A 198 -17.39 4.00 6.47
N GLY A 199 -16.41 4.19 7.36
CA GLY A 199 -16.67 4.71 8.71
C GLY A 199 -17.10 6.17 8.64
N GLU A 200 -17.84 6.63 9.65
CA GLU A 200 -18.23 8.04 9.77
C GLU A 200 -17.04 8.82 10.34
N GLY A 201 -16.35 9.61 9.52
CA GLY A 201 -15.24 10.47 9.98
C GLY A 201 -15.74 11.67 10.75
N PHE A 202 -14.84 12.37 11.46
CA PHE A 202 -15.10 13.69 12.06
C PHE A 202 -15.90 14.54 11.06
N GLY A 203 -17.14 14.84 11.42
CA GLY A 203 -17.99 15.88 10.83
C GLY A 203 -18.95 16.40 11.89
N PHE A 204 -18.74 17.64 12.32
CA PHE A 204 -19.41 18.27 13.48
C PHE A 204 -19.50 19.76 13.18
N ALA A 205 -20.64 20.42 13.41
CA ALA A 205 -20.73 21.90 13.43
C ALA A 205 -20.77 22.38 14.87
N ASN A 206 -20.25 23.59 15.09
CA ASN A 206 -20.13 24.24 16.43
C ASN A 206 -21.33 25.15 16.67
N GLU A 207 -22.30 24.68 17.45
CA GLU A 207 -23.45 25.48 17.97
C GLU A 207 -23.02 26.08 19.32
N LYS A 208 -22.44 27.28 19.28
CA LYS A 208 -22.09 28.05 20.51
C LYS A 208 -21.21 27.18 21.41
N GLY A 209 -20.14 26.58 20.86
CA GLY A 209 -19.15 25.77 21.61
C GLY A 209 -19.60 24.33 21.92
N VAL A 210 -20.70 23.81 21.35
CA VAL A 210 -21.05 22.36 21.38
C VAL A 210 -20.97 21.79 19.94
N TRP A 211 -20.33 20.63 19.77
CA TRP A 211 -20.19 19.92 18.48
C TRP A 211 -21.51 19.22 18.15
N GLN A 212 -22.01 19.40 16.91
CA GLN A 212 -23.32 18.86 16.47
C GLN A 212 -23.05 17.95 15.27
N LYS A 213 -23.49 16.69 15.39
CA LYS A 213 -23.21 15.60 14.42
C LYS A 213 -23.79 15.97 13.05
N ILE A 214 -22.90 16.20 12.09
CA ILE A 214 -23.21 16.14 10.63
C ILE A 214 -23.21 14.66 10.26
N ALA A 215 -24.35 14.11 9.88
CA ALA A 215 -24.42 12.70 9.47
C ALA A 215 -23.69 12.60 8.12
N GLN A 216 -23.19 11.40 7.85
CA GLN A 216 -22.23 11.10 6.75
C GLN A 216 -22.95 10.17 5.76
N ILE A 217 -23.39 10.78 4.66
CA ILE A 217 -24.47 10.22 3.80
C ILE A 217 -23.95 10.04 2.37
N GLY A 218 -22.67 10.35 2.13
CA GLY A 218 -21.86 9.75 1.06
C GLY A 218 -21.53 8.29 1.36
N GLY A 219 -20.90 7.61 0.41
CA GLY A 219 -20.34 6.26 0.58
C GLY A 219 -18.90 6.24 0.10
N VAL A 220 -18.40 5.07 -0.28
CA VAL A 220 -17.00 4.95 -0.79
C VAL A 220 -17.04 4.29 -2.17
N THR A 221 -16.14 4.71 -3.04
CA THR A 221 -15.88 4.10 -4.37
C THR A 221 -14.37 3.94 -4.55
N ILE A 222 -13.98 2.71 -4.83
CA ILE A 222 -12.60 2.17 -4.89
C ILE A 222 -12.50 1.45 -6.24
N GLY A 223 -11.53 1.80 -7.08
CA GLY A 223 -11.39 1.18 -8.40
C GLY A 223 -10.87 -0.24 -8.32
N ASP A 224 -10.04 -0.62 -9.30
CA ASP A 224 -9.59 -2.02 -9.50
C ASP A 224 -8.17 -2.14 -8.99
N ASP A 225 -7.75 -3.34 -8.59
CA ASP A 225 -6.35 -3.68 -8.22
C ASP A 225 -5.83 -2.75 -7.12
N VAL A 226 -6.56 -2.65 -6.02
CA VAL A 226 -6.23 -1.74 -4.89
C VAL A 226 -5.79 -2.57 -3.68
N GLU A 227 -4.66 -2.20 -3.09
CA GLU A 227 -4.22 -2.78 -1.81
C GLU A 227 -4.61 -1.85 -0.68
N ILE A 228 -5.20 -2.38 0.40
CA ILE A 228 -5.47 -1.64 1.66
C ILE A 228 -4.87 -2.42 2.85
N GLY A 229 -3.88 -1.82 3.50
CA GLY A 229 -3.07 -2.48 4.54
C GLY A 229 -3.86 -2.64 5.82
N ALA A 230 -3.25 -3.18 6.87
CA ALA A 230 -3.97 -3.58 8.10
C ALA A 230 -4.23 -2.36 8.99
N ASN A 231 -5.41 -2.33 9.63
CA ASN A 231 -5.89 -1.31 10.62
C ASN A 231 -5.99 0.06 9.90
N THR A 232 -5.96 0.07 8.58
CA THR A 232 -6.16 1.29 7.75
C THR A 232 -7.64 1.65 7.81
N THR A 233 -7.97 2.92 7.86
CA THR A 233 -9.38 3.36 7.86
C THR A 233 -9.63 4.26 6.66
N ILE A 234 -10.75 4.04 5.96
CA ILE A 234 -11.20 4.94 4.88
C ILE A 234 -12.61 5.42 5.18
N ASP A 235 -12.75 6.71 5.44
CA ASP A 235 -14.03 7.34 5.79
C ASP A 235 -14.93 7.39 4.57
N ARG A 236 -16.23 7.26 4.83
CA ARG A 236 -17.29 7.51 3.85
C ARG A 236 -17.31 9.02 3.58
N GLY A 237 -17.83 9.41 2.40
CA GLY A 237 -18.15 10.81 2.03
C GLY A 237 -19.21 11.41 2.95
N ALA A 238 -19.15 12.74 3.14
CA ALA A 238 -20.20 13.60 3.75
C ALA A 238 -21.44 13.68 2.83
N LEU A 239 -21.23 13.93 1.55
CA LEU A 239 -22.31 14.02 0.54
C LEU A 239 -21.92 13.20 -0.70
N SER A 240 -20.88 13.60 -1.45
CA SER A 240 -20.31 12.76 -2.54
C SER A 240 -19.58 11.58 -1.91
N ASP A 241 -19.08 10.65 -2.74
CA ASP A 241 -18.35 9.46 -2.24
C ASP A 241 -16.89 9.88 -1.97
N THR A 242 -16.22 9.17 -1.04
CA THR A 242 -14.73 9.03 -0.95
C THR A 242 -14.25 8.20 -2.16
N LEU A 243 -13.24 8.68 -2.90
CA LEU A 243 -12.77 8.10 -4.19
C LEU A 243 -11.34 7.60 -4.08
N ILE A 244 -11.14 6.32 -4.30
CA ILE A 244 -9.80 5.67 -4.45
C ILE A 244 -9.71 5.17 -5.90
N GLY A 245 -8.86 5.79 -6.72
CA GLY A 245 -8.62 5.30 -8.09
C GLY A 245 -8.05 3.87 -8.22
N ASN A 246 -7.60 3.52 -9.43
CA ASN A 246 -7.17 2.15 -9.80
C ASN A 246 -5.71 1.94 -9.43
N GLY A 247 -5.39 0.75 -8.94
CA GLY A 247 -3.98 0.37 -8.74
C GLY A 247 -3.32 1.22 -7.68
N VAL A 248 -4.12 1.72 -6.72
CA VAL A 248 -3.69 2.59 -5.58
C VAL A 248 -3.28 1.66 -4.44
N LYS A 249 -2.10 1.91 -3.90
CA LYS A 249 -1.48 0.95 -2.95
C LYS A 249 -1.36 1.65 -1.60
N LEU A 250 -2.20 1.28 -0.63
CA LEU A 250 -2.18 1.88 0.73
C LEU A 250 -1.62 0.85 1.72
N ASP A 251 -0.48 1.20 2.30
CA ASP A 251 0.18 0.48 3.42
C ASP A 251 -0.76 0.39 4.65
N ASN A 252 -0.24 0.00 5.81
CA ASN A 252 -0.99 -0.19 7.07
C ASN A 252 -1.15 1.10 7.88
N GLN A 253 -2.09 1.09 8.85
CA GLN A 253 -2.30 2.19 9.83
C GLN A 253 -2.52 3.53 9.12
N ILE A 254 -3.08 3.51 7.92
CA ILE A 254 -3.31 4.77 7.14
C ILE A 254 -4.69 5.32 7.49
N MET A 255 -4.86 6.64 7.42
CA MET A 255 -6.19 7.26 7.67
C MET A 255 -6.53 8.13 6.48
N ILE A 256 -7.62 7.82 5.77
CA ILE A 256 -8.16 8.63 4.65
C ILE A 256 -9.51 9.21 5.12
N ALA A 257 -9.54 10.52 5.34
CA ALA A 257 -10.73 11.30 5.75
C ALA A 257 -11.78 11.31 4.64
N HIS A 258 -13.00 11.65 5.02
CA HIS A 258 -14.19 11.83 4.15
C HIS A 258 -13.80 12.70 2.94
N ASN A 259 -14.19 12.20 1.76
CA ASN A 259 -14.22 12.96 0.48
C ASN A 259 -12.81 13.18 -0.04
N VAL A 260 -11.85 12.36 0.38
CA VAL A 260 -10.50 12.43 -0.27
C VAL A 260 -10.63 11.80 -1.67
N GLN A 261 -9.83 12.28 -2.62
CA GLN A 261 -9.66 11.67 -3.96
C GLN A 261 -8.20 11.29 -4.18
N ILE A 262 -7.98 10.02 -4.48
CA ILE A 262 -6.64 9.47 -4.84
C ILE A 262 -6.66 8.99 -6.29
N GLY A 263 -5.91 9.71 -7.13
CA GLY A 263 -5.41 9.31 -8.46
C GLY A 263 -4.86 7.89 -8.54
N ASP A 264 -5.14 7.23 -9.67
CA ASP A 264 -4.71 5.87 -10.00
C ASP A 264 -3.20 5.80 -9.78
N HIS A 265 -2.72 4.63 -9.34
CA HIS A 265 -1.28 4.24 -9.24
C HIS A 265 -0.55 5.07 -8.18
N THR A 266 -1.28 5.75 -7.30
CA THR A 266 -0.66 6.46 -6.16
C THR A 266 -0.40 5.43 -5.06
N ALA A 267 0.79 5.53 -4.47
CA ALA A 267 1.29 4.71 -3.34
C ALA A 267 1.44 5.60 -2.13
N MET A 268 0.98 5.09 -1.00
CA MET A 268 1.05 5.76 0.33
C MET A 268 1.61 4.75 1.30
N ALA A 269 2.71 5.10 1.90
CA ALA A 269 3.41 4.25 2.89
C ALA A 269 2.68 4.34 4.24
N ALA A 270 3.10 3.58 5.24
CA ALA A 270 2.32 3.38 6.48
C ALA A 270 2.13 4.68 7.28
N CYS A 271 1.04 4.77 8.04
CA CYS A 271 0.82 5.82 9.09
C CYS A 271 0.57 7.20 8.46
N VAL A 272 0.34 7.27 7.14
CA VAL A 272 -0.02 8.49 6.38
C VAL A 272 -1.46 8.91 6.77
N GLY A 273 -1.72 10.20 6.91
CA GLY A 273 -3.06 10.70 7.25
C GLY A 273 -3.44 11.81 6.30
N ILE A 274 -4.52 11.63 5.58
CA ILE A 274 -5.01 12.63 4.58
C ILE A 274 -6.31 13.27 5.08
N SER A 275 -6.31 14.57 5.35
CA SER A 275 -7.52 15.25 5.85
C SER A 275 -8.63 15.39 4.80
N GLY A 276 -9.84 15.77 5.25
CA GLY A 276 -11.06 15.93 4.46
C GLY A 276 -10.85 16.61 3.13
N SER A 277 -11.40 16.03 2.05
CA SER A 277 -11.52 16.68 0.71
C SER A 277 -10.16 16.93 0.05
N ALA A 278 -9.07 16.31 0.49
CA ALA A 278 -7.78 16.49 -0.21
C ALA A 278 -7.83 15.66 -1.49
N LYS A 279 -7.16 16.13 -2.54
CA LYS A 279 -7.08 15.47 -3.86
C LYS A 279 -5.60 15.20 -4.20
N ILE A 280 -5.28 13.93 -4.38
CA ILE A 280 -3.94 13.49 -4.85
C ILE A 280 -4.11 12.99 -6.28
N GLY A 281 -3.40 13.61 -7.22
CA GLY A 281 -3.23 13.13 -8.60
C GLY A 281 -2.66 11.71 -8.71
N ARG A 282 -2.08 11.40 -9.87
CA ARG A 282 -1.74 9.99 -10.22
C ARG A 282 -0.24 9.78 -10.00
N HIS A 283 0.15 8.53 -9.76
CA HIS A 283 1.58 8.11 -9.65
C HIS A 283 2.19 9.03 -8.61
N CYS A 284 1.56 9.14 -7.45
CA CYS A 284 2.10 9.95 -6.34
C CYS A 284 2.72 9.01 -5.32
N MET A 285 3.76 9.42 -4.65
CA MET A 285 4.33 8.57 -3.56
C MET A 285 4.41 9.41 -2.29
N LEU A 286 3.59 9.04 -1.31
CA LEU A 286 3.68 9.59 0.09
C LEU A 286 4.43 8.61 1.02
N ALA A 287 5.62 8.98 1.46
CA ALA A 287 6.46 8.21 2.39
C ALA A 287 5.77 8.23 3.75
N GLY A 288 6.31 7.47 4.73
CA GLY A 288 5.62 7.11 5.97
C GLY A 288 5.27 8.32 6.80
N GLY A 289 4.06 8.31 7.36
CA GLY A 289 3.63 9.31 8.34
C GLY A 289 3.60 10.70 7.74
N VAL A 290 3.41 10.78 6.43
CA VAL A 290 3.09 12.10 5.81
C VAL A 290 1.67 12.48 6.26
N GLY A 291 1.46 13.76 6.59
CA GLY A 291 0.10 14.31 6.74
C GLY A 291 -0.20 15.32 5.66
N LEU A 292 -1.47 15.36 5.20
CA LEU A 292 -2.04 16.39 4.27
C LEU A 292 -3.22 17.07 4.92
N VAL A 293 -3.10 18.40 5.13
CA VAL A 293 -4.24 19.28 5.52
C VAL A 293 -5.35 19.15 4.48
N GLY A 294 -6.59 19.51 4.82
CA GLY A 294 -7.79 19.26 3.98
C GLY A 294 -7.90 20.29 2.88
N HIS A 295 -8.60 19.98 1.78
CA HIS A 295 -9.02 20.99 0.75
C HIS A 295 -7.82 21.50 -0.05
N ILE A 296 -6.76 20.70 -0.21
CA ILE A 296 -5.59 21.05 -1.07
C ILE A 296 -5.51 20.00 -2.17
N GLU A 297 -4.72 20.28 -3.19
CA GLU A 297 -4.65 19.44 -4.41
C GLU A 297 -3.18 19.16 -4.60
N ILE A 298 -2.85 17.91 -4.87
CA ILE A 298 -1.47 17.51 -5.22
C ILE A 298 -1.50 17.03 -6.67
N CYS A 299 -0.71 17.67 -7.54
CA CYS A 299 -0.63 17.37 -8.99
C CYS A 299 0.03 16.02 -9.17
N ASP A 300 0.13 15.56 -10.41
CA ASP A 300 0.61 14.19 -10.74
C ASP A 300 2.10 14.13 -10.40
N ASN A 301 2.58 12.93 -10.04
CA ASN A 301 4.03 12.60 -9.91
C ASN A 301 4.68 13.44 -8.80
N VAL A 302 4.11 13.43 -7.61
CA VAL A 302 4.72 14.14 -6.46
C VAL A 302 5.24 13.08 -5.51
N PHE A 303 6.49 13.26 -5.05
CA PHE A 303 7.09 12.46 -3.96
C PHE A 303 7.13 13.32 -2.69
N VAL A 304 6.45 12.89 -1.64
CA VAL A 304 6.56 13.53 -0.28
C VAL A 304 7.41 12.66 0.66
N THR A 305 8.52 13.19 1.15
CA THR A 305 9.44 12.49 2.07
C THR A 305 8.75 12.32 3.43
N GLY A 306 9.27 11.35 4.21
CA GLY A 306 8.61 10.78 5.38
C GLY A 306 8.33 11.84 6.39
N MET A 307 7.22 11.72 7.11
CA MET A 307 6.84 12.59 8.25
C MET A 307 6.73 14.04 7.84
N THR A 308 6.55 14.31 6.56
CA THR A 308 6.21 15.66 6.04
C THR A 308 4.74 15.98 6.30
N MET A 309 4.51 17.23 6.64
CA MET A 309 3.20 17.90 6.80
C MET A 309 2.96 18.73 5.54
N VAL A 310 2.07 18.31 4.64
CA VAL A 310 1.81 19.13 3.42
C VAL A 310 0.65 20.09 3.72
N THR A 311 0.95 21.38 3.68
CA THR A 311 0.11 22.51 4.17
C THR A 311 -0.63 23.27 3.08
N ARG A 312 -0.21 23.18 1.80
CA ARG A 312 -0.71 23.94 0.62
C ARG A 312 -0.62 23.09 -0.63
N SER A 313 -1.47 23.37 -1.62
CA SER A 313 -1.60 22.59 -2.86
C SER A 313 -0.22 22.49 -3.52
N ILE A 314 0.00 21.47 -4.34
CA ILE A 314 1.29 21.27 -5.07
C ILE A 314 0.96 21.19 -6.57
N THR A 315 1.63 22.03 -7.37
CA THR A 315 1.39 22.19 -8.83
C THR A 315 2.60 21.68 -9.62
N GLU A 316 3.82 21.94 -9.15
CA GLU A 316 5.07 21.39 -9.75
C GLU A 316 5.25 19.91 -9.35
N PRO A 317 5.31 18.95 -10.31
CA PRO A 317 5.82 17.60 -10.01
C PRO A 317 7.20 17.68 -9.37
N GLY A 318 7.58 16.67 -8.56
CA GLY A 318 8.86 16.59 -7.87
C GLY A 318 8.73 16.12 -6.44
N SER A 319 9.72 16.47 -5.64
CA SER A 319 9.98 15.95 -4.29
C SER A 319 9.90 17.08 -3.25
N TYR A 320 9.19 16.85 -2.17
CA TYR A 320 8.92 17.89 -1.14
C TYR A 320 9.13 17.31 0.24
N SER A 321 9.61 18.14 1.16
CA SER A 321 10.00 17.76 2.54
C SER A 321 9.53 18.82 3.54
N SER A 322 9.29 18.42 4.79
CA SER A 322 9.41 19.27 5.98
C SER A 322 10.05 18.42 7.07
N GLY A 323 10.34 18.98 8.25
CA GLY A 323 11.11 18.31 9.32
C GLY A 323 12.49 18.92 9.51
N THR A 324 13.28 18.35 10.41
CA THR A 324 14.67 18.80 10.70
C THR A 324 15.59 17.59 10.67
N ALA A 325 16.86 17.83 10.37
CA ALA A 325 17.98 16.88 10.53
C ALA A 325 17.98 16.34 11.96
N MET A 326 18.01 15.01 12.10
CA MET A 326 18.21 14.33 13.39
C MET A 326 19.59 14.74 13.94
N GLN A 327 19.68 15.03 15.22
CA GLN A 327 20.95 15.37 15.90
C GLN A 327 20.98 14.59 17.21
N PRO A 328 22.15 14.42 17.86
CA PRO A 328 22.17 14.11 19.29
C PRO A 328 21.40 15.20 20.04
N ALA A 329 20.66 14.79 21.05
CA ALA A 329 19.73 15.68 21.79
C ALA A 329 20.46 16.95 22.20
N ALA A 330 21.64 16.86 22.78
CA ALA A 330 22.42 18.05 23.21
C ALA A 330 22.56 19.02 22.03
N GLU A 331 23.04 18.55 20.88
CA GLU A 331 23.26 19.43 19.70
C GLU A 331 21.90 20.01 19.28
N TRP A 332 20.84 19.20 19.33
CA TRP A 332 19.47 19.66 19.00
C TRP A 332 19.12 20.90 19.84
N LYS A 333 19.54 20.92 21.12
CA LYS A 333 19.20 22.01 22.09
C LYS A 333 19.98 23.28 21.72
N LYS A 334 21.22 23.12 21.29
CA LYS A 334 22.07 24.24 20.82
C LYS A 334 21.51 24.80 19.50
N SER A 335 20.97 23.95 18.61
CA SER A 335 20.38 24.38 17.30
C SER A 335 19.17 25.25 17.61
N ALA A 336 18.29 24.73 18.47
CA ALA A 336 16.98 25.33 18.80
C ALA A 336 17.21 26.72 19.37
N ALA A 337 18.28 26.85 20.17
CA ALA A 337 18.69 28.09 20.88
C ALA A 337 19.34 29.05 19.87
N ARG A 338 20.17 28.52 18.98
CA ARG A 338 20.77 29.32 17.88
C ARG A 338 19.65 29.87 16.99
N ILE A 339 18.51 29.16 16.93
CA ILE A 339 17.32 29.53 16.10
C ILE A 339 16.50 30.60 16.83
N ARG A 340 16.48 30.53 18.15
CA ARG A 340 15.69 31.47 18.99
C ARG A 340 16.37 32.84 18.94
N GLN A 341 17.68 32.90 18.62
CA GLN A 341 18.44 34.18 18.62
C GLN A 341 18.60 34.75 17.19
N LEU A 342 17.78 34.32 16.21
CA LEU A 342 17.86 34.82 14.81
C LEU A 342 17.43 36.28 14.77
N ASP A 343 16.62 36.70 15.73
CA ASP A 343 16.05 38.07 15.70
C ASP A 343 17.17 39.05 16.04
N ASP A 344 17.83 38.83 17.18
CA ASP A 344 19.05 39.59 17.61
C ASP A 344 20.05 39.61 16.46
N MET A 345 20.31 38.46 15.86
CA MET A 345 21.32 38.33 14.78
C MET A 345 20.93 39.21 13.59
N ALA A 346 19.65 39.41 13.32
CA ALA A 346 19.17 40.30 12.23
C ALA A 346 19.13 41.77 12.70
N ARG A 347 19.00 42.01 14.01
CA ARG A 347 19.14 43.35 14.65
C ARG A 347 20.63 43.73 14.65
N ARG A 348 21.46 42.91 15.28
CA ARG A 348 22.94 42.97 15.21
C ARG A 348 23.37 43.30 13.77
N LEU A 349 22.83 42.59 12.77
CA LEU A 349 23.27 42.64 11.36
C LEU A 349 22.73 43.91 10.66
N GLN A 350 21.75 44.60 11.25
CA GLN A 350 21.17 45.85 10.69
C GLN A 350 21.92 47.06 11.28
N GLN A 351 22.32 47.00 12.56
CA GLN A 351 23.20 48.02 13.23
C GLN A 351 24.51 48.16 12.45
N LEU A 352 25.16 47.05 12.08
CA LEU A 352 26.41 47.03 11.27
C LEU A 352 26.12 47.52 9.83
N GLU A 353 25.06 47.01 9.19
CA GLU A 353 24.58 47.47 7.85
C GLU A 353 24.60 49.01 7.80
N LYS A 354 24.18 49.70 8.87
CA LYS A 354 24.21 51.18 9.01
C LYS A 354 25.67 51.68 8.92
N ARG A 355 26.50 51.39 9.93
CA ARG A 355 27.87 51.96 10.07
C ARG A 355 28.86 51.16 9.20
N LEU A 356 29.06 51.54 7.93
CA LEU A 356 30.19 51.05 7.07
C LEU A 356 30.04 51.65 5.67
C10 Q5M B . -6.42 16.86 9.85
C13 Q5M B . -8.59 18.69 10.03
C15 Q5M B . -7.63 20.51 8.31
C01 Q5M B . -2.29 17.16 8.86
C02 Q5M B . -2.95 18.32 9.33
C03 Q5M B . -4.29 18.24 9.66
C04 Q5M B . -4.98 16.96 9.51
C05 Q5M B . -4.30 15.83 9.03
C06 Q5M B . -2.92 15.94 8.69
C07 Q5M B . -4.98 14.56 8.88
C08 Q5M B . -6.36 14.47 9.21
C09 Q5M B . -7.06 15.60 9.71
C11 Q5M B . -7.15 18.14 10.42
O12 Q5M B . -6.53 18.73 11.28
C14 Q5M B . -8.64 20.16 9.46
O16 Q5M B . -7.39 21.66 7.82
O17 Q5M B . -6.95 19.60 7.78
S DMS C . 5.15 7.71 12.02
O DMS C . 4.71 6.31 12.14
C1 DMS C . 6.47 7.70 10.85
C2 DMS C . 6.08 8.12 13.43
MG MG D . 0.94 8.66 13.41
#